data_1KSP
#
_entry.id   1KSP
#
_cell.length_a   101.560
_cell.length_b   101.560
_cell.length_c   85.250
_cell.angle_alpha   90.00
_cell.angle_beta   90.00
_cell.angle_gamma   90.00
#
_symmetry.space_group_name_H-M   'P 43'
#
loop_
_entity.id
_entity.type
_entity.pdbx_description
1 polymer "DNA (5'-D(P*TP*TP*PST)-3')"
2 polymer 'PROTEIN (DNA POLYMERASE I-KLENOW FRAGMENT (E.C.2.7.7.7))'
3 non-polymer 'ZINC ION'
4 water water
#
loop_
_entity_poly.entity_id
_entity_poly.type
_entity_poly.pdbx_seq_one_letter_code
_entity_poly.pdbx_strand_id
1 'polydeoxyribonucleotide' (DT)(DT)(PST) B
2 'polypeptide(L)'
;MISYDNYVTILDEETLKAWIAKLEKAPVFAFDTETDSLDNISANLVGLSFAIEPGVAAYIPVAHDYLDAPDQISRERALE
LLKPLLEDEKALKVGQNLKYDRGILANYGIELRGIAFDTMLESYILNSVAGRHDMDSLAERWLKHKTITFEEIAGKGKNQ
LTFNQIALEEAGRYAAEDADVTLQLHLKMWPDLQKHKGPLNVFENIEMPLVPVLSRIERNGVKIDPKVLHNHSEELTLRL
AELEKKAHEIAGEEFNLSSTKQLQTILFEKQGIKPLKKTPGGAPSTSEEVLEELALDYPLPKVILEYRGLAKLKSTYTDK
LPLMINPKTGRVHTSYHQAVTATGRLSSTDPNLQNIPVRNEEGRRIRQAFIAPEDYVIVSADYSQIELRIMAHLSRDKGL
LTAFAEGKDIHRATAAEVFGLPLETVTSEQRRSAKAINFGLIYGMSAFGLARQLNIPRKEAQKYMDLYFERYPGVLEYME
RTRAQAKEQGYVETLDGRRLYLPDIKSSNGARRAAAERAAINAPMQGTAADIIKRAMIAVDAWLQAEQPRVRMIMQVHDE
LVFEVHKDDVDAVAKQIHQLMENCTRLDVPLLVEVGSGENWDQAH
;
A
#
loop_
_chem_comp.id
_chem_comp.type
_chem_comp.name
_chem_comp.formula
DT DNA linking THYMIDINE-5'-MONOPHOSPHATE 'C10 H15 N2 O8 P'
PST DNA linking THYMIDINE-5'-THIOPHOSPHATE 'C10 H15 N2 O7 P S'
ZN non-polymer 'ZINC ION' 'Zn 2'
#
# COMPACT_ATOMS: atom_id res chain seq x y z
P PST A 3 9.72 9.53 16.05
OP2 PST A 3 9.94 10.51 14.91
SP PST A 3 9.19 10.20 17.73
O5' PST A 3 11.06 8.67 16.03
C5' PST A 3 11.11 7.45 16.80
C4' PST A 3 12.30 6.60 16.49
O4' PST A 3 12.32 6.34 15.09
C3' PST A 3 13.56 7.34 16.74
O3' PST A 3 13.93 7.30 18.12
C2' PST A 3 14.51 6.53 15.90
C1' PST A 3 13.68 6.31 14.67
N1 PST A 3 13.78 7.37 13.62
C2 PST A 3 14.89 7.29 12.78
O2 PST A 3 15.79 6.47 12.86
N3 PST A 3 14.98 8.22 11.80
C4 PST A 3 14.08 9.22 11.57
O4 PST A 3 14.30 9.96 10.64
C5 PST A 3 12.93 9.29 12.46
C5M PST A 3 11.86 10.39 12.30
C6 PST A 3 12.82 8.37 13.44
N MET B 1 13.06 28.65 19.76
CA MET B 1 13.35 27.23 20.02
C MET B 1 12.29 26.59 20.87
N ILE B 2 12.81 25.51 21.51
CA ILE B 2 12.15 24.70 22.49
C ILE B 2 13.42 24.49 23.24
N SER B 3 13.36 24.73 24.57
CA SER B 3 14.57 24.57 25.34
C SER B 3 14.40 23.36 26.20
N TYR B 4 15.24 23.25 27.22
CA TYR B 4 15.21 22.15 28.17
C TYR B 4 14.22 22.48 29.30
N ASP B 5 13.65 23.69 29.27
CA ASP B 5 12.71 24.13 30.28
C ASP B 5 11.32 23.57 30.02
N ASN B 6 11.04 23.31 28.76
CA ASN B 6 9.74 22.82 28.34
C ASN B 6 9.28 21.45 28.85
N TYR B 7 10.15 20.46 28.73
CA TYR B 7 9.78 19.11 29.10
C TYR B 7 10.71 18.50 30.10
N VAL B 8 10.15 17.81 31.08
CA VAL B 8 10.95 17.18 32.12
C VAL B 8 11.60 15.91 31.58
N THR B 9 12.78 15.60 32.09
CA THR B 9 13.48 14.39 31.70
C THR B 9 13.38 13.49 32.94
N ILE B 10 12.58 12.43 32.83
CA ILE B 10 12.38 11.50 33.93
C ILE B 10 13.56 10.56 34.09
N LEU B 11 14.33 10.79 35.14
CA LEU B 11 15.51 10.01 35.43
C LEU B 11 15.38 9.17 36.68
N ASP B 12 14.19 9.14 37.30
CA ASP B 12 13.98 8.34 38.51
C ASP B 12 12.57 7.73 38.56
N GLU B 13 12.48 6.57 39.19
CA GLU B 13 11.22 5.84 39.32
C GLU B 13 10.09 6.64 39.95
N GLU B 14 10.37 7.28 41.07
CA GLU B 14 9.37 8.06 41.79
C GLU B 14 8.62 9.00 40.84
N THR B 15 9.38 9.73 40.03
CA THR B 15 8.80 10.65 39.06
C THR B 15 8.08 9.87 37.96
N LEU B 16 8.64 8.74 37.55
CA LEU B 16 8.01 7.91 36.52
C LEU B 16 6.64 7.49 37.03
N LYS B 17 6.63 6.91 38.23
CA LYS B 17 5.40 6.46 38.86
C LYS B 17 4.40 7.61 39.00
N ALA B 18 4.90 8.80 39.34
CA ALA B 18 4.05 9.96 39.48
C ALA B 18 3.38 10.20 38.14
N TRP B 19 4.17 10.15 37.06
CA TRP B 19 3.64 10.33 35.71
C TRP B 19 2.68 9.23 35.29
N ILE B 20 3.01 7.99 35.62
CA ILE B 20 2.15 6.87 35.29
C ILE B 20 0.77 7.06 35.94
N ALA B 21 0.78 7.60 37.16
CA ALA B 21 -0.45 7.85 37.91
C ALA B 21 -1.29 8.88 37.16
N LYS B 22 -0.64 9.95 36.73
CA LYS B 22 -1.30 11.01 35.97
C LYS B 22 -1.77 10.50 34.62
N LEU B 23 -0.99 9.61 34.02
CA LEU B 23 -1.30 9.02 32.72
C LEU B 23 -2.52 8.13 32.83
N GLU B 24 -2.66 7.44 33.96
CA GLU B 24 -3.80 6.56 34.16
C GLU B 24 -5.14 7.31 34.18
N LYS B 25 -5.14 8.55 34.66
CA LYS B 25 -6.37 9.31 34.70
C LYS B 25 -6.59 10.29 33.58
N ALA B 26 -5.65 10.36 32.64
CA ALA B 26 -5.80 11.26 31.50
C ALA B 26 -6.81 10.61 30.52
N PRO B 27 -7.72 11.41 29.92
CA PRO B 27 -8.73 10.89 28.98
C PRO B 27 -8.04 10.16 27.80
N VAL B 28 -6.95 10.74 27.33
CA VAL B 28 -6.15 10.18 26.26
C VAL B 28 -4.78 10.77 26.51
N PHE B 29 -3.75 10.14 25.98
CA PHE B 29 -2.42 10.66 26.11
C PHE B 29 -1.66 10.24 24.86
N ALA B 30 -0.69 11.07 24.49
CA ALA B 30 0.12 10.76 23.32
C ALA B 30 1.43 10.20 23.84
N PHE B 31 2.00 9.24 23.12
CA PHE B 31 3.28 8.69 23.52
C PHE B 31 4.11 8.30 22.32
N ASP B 32 5.42 8.22 22.49
CA ASP B 32 6.34 7.84 21.43
C ASP B 32 7.39 6.93 22.00
N THR B 33 7.86 6.02 21.16
CA THR B 33 8.95 5.15 21.56
C THR B 33 10.09 5.79 20.78
N GLU B 34 11.26 5.82 21.39
CA GLU B 34 12.45 6.36 20.76
C GLU B 34 13.37 5.14 20.64
N THR B 35 14.02 4.98 19.49
CA THR B 35 14.86 3.80 19.24
C THR B 35 16.20 4.10 18.55
N ASP B 36 16.99 3.05 18.34
CA ASP B 36 18.30 3.18 17.67
C ASP B 36 18.27 2.71 16.22
N SER B 37 17.07 2.53 15.67
CA SER B 37 16.93 2.05 14.31
C SER B 37 15.50 2.10 13.78
N LEU B 38 15.35 2.26 12.47
CA LEU B 38 14.04 2.28 11.82
C LEU B 38 13.59 0.84 11.59
N ASP B 39 14.55 -0.09 11.58
CA ASP B 39 14.23 -1.48 11.38
C ASP B 39 13.52 -1.95 12.63
N ASN B 40 12.20 -2.03 12.54
CA ASN B 40 11.37 -2.42 13.64
C ASN B 40 11.80 -3.66 14.41
N ILE B 41 11.93 -4.80 13.74
CA ILE B 41 12.28 -6.05 14.43
C ILE B 41 13.62 -6.05 15.18
N SER B 42 14.57 -5.24 14.74
CA SER B 42 15.86 -5.24 15.42
C SER B 42 16.17 -3.94 16.13
N ALA B 43 15.21 -3.03 16.18
CA ALA B 43 15.43 -1.77 16.86
C ALA B 43 15.41 -2.00 18.38
N ASN B 44 16.11 -1.14 19.10
CA ASN B 44 16.16 -1.23 20.55
C ASN B 44 15.51 0.03 21.06
N LEU B 45 14.73 -0.10 22.14
CA LEU B 45 14.04 1.03 22.75
C LEU B 45 15.05 1.85 23.53
N VAL B 46 15.21 3.10 23.13
CA VAL B 46 16.14 4.02 23.75
C VAL B 46 15.45 4.88 24.82
N GLY B 47 14.15 5.07 24.67
CA GLY B 47 13.39 5.85 25.63
C GLY B 47 11.97 6.04 25.17
N LEU B 48 11.15 6.66 26.02
CA LEU B 48 9.76 6.92 25.69
C LEU B 48 9.39 8.32 26.10
N SER B 49 8.42 8.91 25.41
CA SER B 49 7.93 10.25 25.74
C SER B 49 6.42 10.19 25.81
N PHE B 50 5.83 10.95 26.73
CA PHE B 50 4.38 10.99 26.91
C PHE B 50 3.94 12.44 27.02
N ALA B 51 2.70 12.69 26.62
CA ALA B 51 2.10 14.02 26.70
C ALA B 51 0.71 13.81 27.35
N ILE B 52 0.52 14.38 28.54
CA ILE B 52 -0.76 14.25 29.25
C ILE B 52 -1.79 15.26 28.74
N GLU B 53 -1.28 16.42 28.34
CA GLU B 53 -2.11 17.50 27.81
C GLU B 53 -1.15 18.48 27.14
N PRO B 54 -1.67 19.43 26.35
CA PRO B 54 -0.79 20.40 25.67
C PRO B 54 0.16 21.11 26.62
N GLY B 55 1.44 21.03 26.32
CA GLY B 55 2.45 21.68 27.14
C GLY B 55 3.03 20.84 28.26
N VAL B 56 2.37 19.74 28.60
CA VAL B 56 2.83 18.86 29.66
C VAL B 56 3.28 17.52 29.08
N ALA B 57 4.57 17.41 28.76
CA ALA B 57 5.10 16.17 28.22
C ALA B 57 6.44 15.90 28.90
N ALA B 58 6.87 14.63 28.86
CA ALA B 58 8.12 14.21 29.47
C ALA B 58 8.84 13.12 28.67
N TYR B 59 10.16 13.07 28.80
CA TYR B 59 10.97 12.06 28.13
C TYR B 59 11.65 11.19 29.18
N ILE B 60 11.51 9.88 29.01
CA ILE B 60 12.12 8.91 29.91
C ILE B 60 13.20 8.18 29.11
N PRO B 61 14.48 8.57 29.29
CA PRO B 61 15.62 7.96 28.58
C PRO B 61 15.90 6.65 29.30
N VAL B 62 16.00 5.55 28.58
CA VAL B 62 16.28 4.29 29.26
C VAL B 62 17.56 3.62 28.79
N ALA B 63 17.96 3.88 27.55
CA ALA B 63 19.15 3.27 26.98
C ALA B 63 20.08 4.20 26.22
N HIS B 64 20.38 5.35 26.78
CA HIS B 64 21.31 6.25 26.11
C HIS B 64 22.66 5.82 26.63
N ASP B 65 23.55 5.41 25.73
CA ASP B 65 24.83 4.90 26.16
C ASP B 65 26.08 5.61 25.69
N TYR B 66 25.96 6.89 25.32
CA TYR B 66 27.13 7.63 24.89
C TYR B 66 28.09 7.78 26.06
N LEU B 67 29.29 8.24 25.76
CA LEU B 67 30.34 8.42 26.75
C LEU B 67 29.80 9.24 27.92
N ASP B 68 29.86 8.64 29.11
CA ASP B 68 29.41 9.27 30.36
C ASP B 68 27.92 9.61 30.51
N ALA B 69 27.04 8.91 29.80
CA ALA B 69 25.60 9.17 29.92
C ALA B 69 25.19 9.04 31.38
N PRO B 70 24.34 9.96 31.87
CA PRO B 70 23.87 9.93 33.26
C PRO B 70 23.06 8.67 33.53
N ASP B 71 22.94 8.29 34.81
CA ASP B 71 22.15 7.12 35.18
C ASP B 71 20.73 7.35 34.72
N GLN B 72 20.11 6.29 34.24
CA GLN B 72 18.75 6.34 33.73
C GLN B 72 17.99 5.16 34.28
N ILE B 73 16.67 5.26 34.32
CA ILE B 73 15.85 4.14 34.76
C ILE B 73 16.22 3.07 33.71
N SER B 74 16.42 1.83 34.14
CA SER B 74 16.78 0.79 33.19
C SER B 74 15.55 0.52 32.32
N ARG B 75 15.80 0.10 31.08
CA ARG B 75 14.72 -0.20 30.14
C ARG B 75 13.73 -1.19 30.74
N GLU B 76 14.24 -2.24 31.35
CA GLU B 76 13.38 -3.27 31.94
C GLU B 76 12.49 -2.76 33.06
N ARG B 77 13.05 -1.92 33.92
CA ARG B 77 12.29 -1.33 35.03
C ARG B 77 11.20 -0.41 34.48
N ALA B 78 11.60 0.46 33.55
CA ALA B 78 10.68 1.40 32.94
C ALA B 78 9.57 0.64 32.25
N LEU B 79 9.92 -0.43 31.53
CA LEU B 79 8.91 -1.19 30.82
C LEU B 79 7.96 -2.00 31.69
N GLU B 80 8.44 -2.53 32.82
CA GLU B 80 7.54 -3.29 33.68
C GLU B 80 6.59 -2.34 34.42
N LEU B 81 7.05 -1.12 34.68
CA LEU B 81 6.19 -0.13 35.33
C LEU B 81 5.16 0.40 34.32
N LEU B 82 5.61 0.60 33.08
CA LEU B 82 4.78 1.13 32.01
C LEU B 82 3.89 0.07 31.36
N LYS B 83 4.34 -1.18 31.39
CA LYS B 83 3.60 -2.27 30.76
C LYS B 83 2.10 -2.29 30.99
N PRO B 84 1.63 -2.25 32.26
CA PRO B 84 0.19 -2.28 32.54
C PRO B 84 -0.62 -1.20 31.81
N LEU B 85 -0.09 0.03 31.81
CA LEU B 85 -0.72 1.17 31.17
C LEU B 85 -0.78 0.94 29.66
N LEU B 86 0.35 0.52 29.08
CA LEU B 86 0.42 0.25 27.64
C LEU B 86 -0.52 -0.86 27.21
N GLU B 87 -0.58 -1.92 28.01
CA GLU B 87 -1.42 -3.05 27.67
C GLU B 87 -2.90 -2.86 28.00
N ASP B 88 -3.21 -1.84 28.82
CA ASP B 88 -4.60 -1.60 29.17
C ASP B 88 -5.36 -1.04 27.96
N GLU B 89 -6.30 -1.83 27.46
CA GLU B 89 -7.11 -1.41 26.32
C GLU B 89 -7.92 -0.14 26.60
N LYS B 90 -8.23 0.10 27.88
CA LYS B 90 -9.00 1.27 28.29
C LYS B 90 -8.15 2.55 28.24
N ALA B 91 -6.83 2.40 28.42
CA ALA B 91 -5.95 3.56 28.38
C ALA B 91 -5.75 3.95 26.91
N LEU B 92 -6.43 5.00 26.49
CA LEU B 92 -6.38 5.46 25.10
C LEU B 92 -5.14 6.26 24.76
N LYS B 93 -4.43 5.79 23.73
CA LYS B 93 -3.21 6.43 23.27
C LYS B 93 -3.38 7.10 21.92
N VAL B 94 -2.58 8.14 21.71
CA VAL B 94 -2.54 8.88 20.46
C VAL B 94 -1.05 8.83 20.09
N GLY B 95 -0.77 8.78 18.79
CA GLY B 95 0.61 8.76 18.35
C GLY B 95 0.72 9.00 16.86
N GLN B 96 1.92 9.35 16.43
CA GLN B 96 2.21 9.58 15.02
C GLN B 96 2.85 8.29 14.53
N ASN B 97 2.10 7.53 13.74
CA ASN B 97 2.51 6.24 13.19
C ASN B 97 2.72 5.23 14.32
N LEU B 98 1.63 4.94 15.01
CA LEU B 98 1.63 4.00 16.11
C LEU B 98 2.02 2.59 15.67
N LYS B 99 1.89 2.29 14.39
CA LYS B 99 2.24 0.97 13.86
C LYS B 99 3.66 0.66 14.32
N TYR B 100 4.52 1.65 14.15
CA TYR B 100 5.90 1.52 14.53
C TYR B 100 6.09 1.28 16.03
N ASP B 101 5.43 2.08 16.85
CA ASP B 101 5.55 1.98 18.31
C ASP B 101 5.03 0.67 18.86
N ARG B 102 3.97 0.19 18.22
CA ARG B 102 3.34 -1.05 18.62
C ARG B 102 4.38 -2.17 18.41
N GLY B 103 5.09 -2.10 17.29
CA GLY B 103 6.09 -3.11 16.98
C GLY B 103 7.25 -3.10 17.95
N ILE B 104 7.76 -1.91 18.26
CA ILE B 104 8.88 -1.79 19.19
C ILE B 104 8.53 -2.40 20.55
N LEU B 105 7.34 -2.11 21.05
CA LEU B 105 6.95 -2.65 22.36
C LEU B 105 6.82 -4.15 22.30
N ALA B 106 6.42 -4.66 21.14
CA ALA B 106 6.28 -6.09 20.94
C ALA B 106 7.66 -6.76 21.07
N ASN B 107 8.74 -6.06 20.74
CA ASN B 107 10.09 -6.61 20.89
C ASN B 107 10.37 -6.91 22.36
N TYR B 108 9.52 -6.40 23.24
CA TYR B 108 9.70 -6.61 24.66
C TYR B 108 8.59 -7.40 25.28
N GLY B 109 7.80 -8.07 24.46
CA GLY B 109 6.69 -8.87 24.98
C GLY B 109 5.53 -8.05 25.50
N ILE B 110 5.45 -6.80 25.10
CA ILE B 110 4.36 -5.92 25.54
C ILE B 110 3.38 -5.76 24.40
N GLU B 111 2.10 -5.97 24.68
CA GLU B 111 1.04 -5.85 23.68
C GLU B 111 0.32 -4.52 23.78
N LEU B 112 0.77 -3.55 23.00
CA LEU B 112 0.18 -2.22 23.00
C LEU B 112 -1.30 -2.30 22.64
N ARG B 113 -2.14 -1.91 23.58
CA ARG B 113 -3.57 -1.89 23.34
C ARG B 113 -4.01 -0.46 23.56
N GLY B 114 -5.23 -0.16 23.18
CA GLY B 114 -5.74 1.19 23.34
C GLY B 114 -5.18 2.07 22.24
N ILE B 115 -4.87 1.45 21.10
CA ILE B 115 -4.35 2.16 19.93
C ILE B 115 -5.55 2.87 19.33
N ALA B 116 -5.93 3.98 19.96
CA ALA B 116 -7.09 4.75 19.56
C ALA B 116 -6.94 5.81 18.48
N PHE B 117 -5.89 6.62 18.54
CA PHE B 117 -5.75 7.67 17.55
C PHE B 117 -4.35 7.79 17.02
N ASP B 118 -4.25 7.89 15.70
CA ASP B 118 -2.97 8.01 15.03
C ASP B 118 -3.08 9.31 14.26
N THR B 119 -2.39 10.35 14.71
CA THR B 119 -2.50 11.63 14.02
C THR B 119 -2.20 11.52 12.53
N MET B 120 -1.39 10.52 12.16
CA MET B 120 -1.06 10.33 10.76
C MET B 120 -2.32 9.94 10.00
N LEU B 121 -3.06 9.00 10.57
CA LEU B 121 -4.29 8.52 9.93
C LEU B 121 -5.42 9.53 10.03
N GLU B 122 -5.37 10.39 11.06
CA GLU B 122 -6.38 11.41 11.21
C GLU B 122 -6.20 12.33 10.02
N SER B 123 -4.96 12.78 9.84
CA SER B 123 -4.64 13.66 8.73
C SER B 123 -5.04 13.02 7.40
N TYR B 124 -4.68 11.77 7.21
CA TYR B 124 -4.97 11.04 5.96
C TYR B 124 -6.46 10.91 5.65
N ILE B 125 -7.25 10.60 6.67
CA ILE B 125 -8.68 10.46 6.47
C ILE B 125 -9.36 11.82 6.30
N LEU B 126 -8.81 12.84 6.93
CA LEU B 126 -9.37 14.19 6.81
C LEU B 126 -9.26 14.63 5.35
N ASN B 127 -8.10 14.36 4.77
CA ASN B 127 -7.87 14.69 3.38
C ASN B 127 -6.59 14.03 2.93
N SER B 128 -6.73 12.88 2.29
CA SER B 128 -5.59 12.10 1.82
C SER B 128 -4.59 12.91 1.01
N VAL B 129 -5.09 13.78 0.12
CA VAL B 129 -4.22 14.56 -0.74
C VAL B 129 -3.80 15.94 -0.24
N ALA B 130 -4.12 16.26 1.02
CA ALA B 130 -3.77 17.57 1.58
C ALA B 130 -2.28 17.86 1.60
N GLY B 131 -1.47 16.82 1.51
CA GLY B 131 -0.03 17.00 1.54
C GLY B 131 0.58 15.84 2.28
N ARG B 132 1.80 16.03 2.79
CA ARG B 132 2.45 14.97 3.53
C ARG B 132 1.86 14.81 4.92
N HIS B 133 1.81 13.57 5.40
CA HIS B 133 1.22 13.27 6.71
C HIS B 133 2.22 12.95 7.81
N ASP B 134 3.41 13.52 7.71
CA ASP B 134 4.44 13.31 8.71
C ASP B 134 4.31 14.41 9.75
N MET B 135 4.83 14.18 10.95
CA MET B 135 4.77 15.13 12.05
C MET B 135 5.19 16.54 11.69
N ASP B 136 6.35 16.67 11.05
CA ASP B 136 6.87 17.98 10.66
C ASP B 136 5.92 18.78 9.79
N SER B 137 5.30 18.11 8.83
CA SER B 137 4.37 18.76 7.93
C SER B 137 3.05 19.08 8.65
N LEU B 138 2.59 18.14 9.45
CA LEU B 138 1.35 18.29 10.21
C LEU B 138 1.43 19.46 11.20
N ALA B 139 2.49 19.48 11.99
CA ALA B 139 2.69 20.52 12.98
C ALA B 139 2.62 21.89 12.31
N GLU B 140 3.31 22.04 11.20
CA GLU B 140 3.32 23.30 10.49
C GLU B 140 1.94 23.64 9.92
N ARG B 141 1.36 22.69 9.21
CA ARG B 141 0.05 22.88 8.59
C ARG B 141 -1.06 23.24 9.59
N TRP B 142 -1.27 22.39 10.59
CA TRP B 142 -2.31 22.57 11.61
C TRP B 142 -2.01 23.47 12.80
N LEU B 143 -0.73 23.63 13.11
CA LEU B 143 -0.36 24.41 14.29
C LEU B 143 0.62 25.54 14.04
N LYS B 144 1.02 25.73 12.78
CA LYS B 144 1.98 26.77 12.42
C LYS B 144 3.17 26.71 13.37
N HIS B 145 3.53 25.48 13.73
CA HIS B 145 4.64 25.21 14.64
C HIS B 145 5.60 24.28 13.93
N LYS B 146 6.84 24.72 13.79
CA LYS B 146 7.88 23.93 13.14
C LYS B 146 8.60 23.06 14.19
N THR B 147 8.31 21.76 14.15
CA THR B 147 8.90 20.80 15.07
C THR B 147 10.39 20.59 14.87
N ILE B 148 11.07 20.23 15.95
CA ILE B 148 12.50 19.94 15.91
C ILE B 148 12.62 18.74 14.99
N THR B 149 13.40 18.91 13.94
CA THR B 149 13.58 17.86 12.96
C THR B 149 14.57 16.82 13.48
N PHE B 150 14.32 15.56 13.17
CA PHE B 150 15.19 14.48 13.61
C PHE B 150 16.64 14.77 13.21
N GLU B 151 16.83 15.32 12.01
CA GLU B 151 18.16 15.67 11.52
C GLU B 151 18.82 16.67 12.46
N GLU B 152 18.01 17.57 13.03
CA GLU B 152 18.51 18.61 13.91
C GLU B 152 19.21 18.03 15.13
N ILE B 153 18.65 16.98 15.69
CA ILE B 153 19.27 16.36 16.87
C ILE B 153 20.20 15.20 16.53
N ALA B 154 19.99 14.57 15.39
CA ALA B 154 20.82 13.43 15.01
C ALA B 154 21.90 13.71 13.98
N GLY B 155 21.61 14.56 13.01
CA GLY B 155 22.59 14.87 11.98
C GLY B 155 22.14 14.27 10.66
N LYS B 156 23.04 14.19 9.69
CA LYS B 156 22.73 13.64 8.37
C LYS B 156 23.84 12.70 7.86
N GLY B 157 23.50 11.96 6.81
CA GLY B 157 24.44 11.05 6.19
C GLY B 157 24.91 9.90 7.05
N LYS B 158 25.97 9.24 6.60
CA LYS B 158 26.55 8.10 7.30
C LYS B 158 26.85 8.44 8.74
N ASN B 159 27.31 9.66 8.98
CA ASN B 159 27.64 10.09 10.33
C ASN B 159 26.46 10.62 11.14
N GLN B 160 25.28 10.08 10.86
CA GLN B 160 24.10 10.49 11.61
C GLN B 160 24.07 9.65 12.88
N LEU B 161 23.82 10.31 14.00
CA LEU B 161 23.76 9.63 15.28
C LEU B 161 22.48 8.85 15.46
N THR B 162 22.58 7.73 16.17
CA THR B 162 21.38 6.95 16.48
C THR B 162 20.93 7.57 17.82
N PHE B 163 19.65 7.45 18.14
CA PHE B 163 19.09 8.06 19.33
C PHE B 163 19.84 7.85 20.64
N ASN B 164 20.35 6.65 20.86
CA ASN B 164 21.09 6.30 22.07
C ASN B 164 22.38 7.09 22.27
N GLN B 165 22.84 7.77 21.22
CA GLN B 165 24.08 8.55 21.27
C GLN B 165 23.81 10.01 21.56
N ILE B 166 22.57 10.41 21.35
CA ILE B 166 22.14 11.78 21.56
C ILE B 166 21.97 12.06 23.05
N ALA B 167 22.49 13.21 23.48
CA ALA B 167 22.43 13.67 24.86
C ALA B 167 20.99 13.62 25.41
N LEU B 168 20.85 13.23 26.67
CA LEU B 168 19.55 13.12 27.31
C LEU B 168 18.60 14.27 27.06
N GLU B 169 19.06 15.49 27.32
CA GLU B 169 18.23 16.67 27.13
C GLU B 169 17.87 16.93 25.67
N GLU B 170 18.81 16.73 24.75
CA GLU B 170 18.52 16.94 23.34
C GLU B 170 17.48 15.91 22.89
N ALA B 171 17.69 14.67 23.30
CA ALA B 171 16.77 13.60 22.98
C ALA B 171 15.41 13.98 23.60
N GLY B 172 15.48 14.58 24.79
CA GLY B 172 14.29 15.00 25.50
C GLY B 172 13.46 15.99 24.71
N ARG B 173 14.12 17.06 24.24
CA ARG B 173 13.47 18.09 23.44
C ARG B 173 12.73 17.50 22.24
N TYR B 174 13.41 16.65 21.49
CA TYR B 174 12.80 16.02 20.32
C TYR B 174 11.61 15.14 20.68
N ALA B 175 11.83 14.16 21.56
CA ALA B 175 10.80 13.21 21.93
C ALA B 175 9.57 13.81 22.59
N ALA B 176 9.80 14.68 23.58
CA ALA B 176 8.70 15.30 24.30
C ALA B 176 7.91 16.25 23.42
N GLU B 177 8.60 17.05 22.62
CA GLU B 177 7.89 17.96 21.74
C GLU B 177 7.02 17.15 20.79
N ASP B 178 7.59 16.08 20.27
CA ASP B 178 6.83 15.26 19.34
C ASP B 178 5.57 14.75 20.01
N ALA B 179 5.70 14.25 21.23
CA ALA B 179 4.55 13.73 21.98
C ALA B 179 3.54 14.84 22.23
N ASP B 180 4.04 16.00 22.62
CA ASP B 180 3.22 17.16 22.90
C ASP B 180 2.44 17.54 21.65
N VAL B 181 3.17 17.83 20.58
CA VAL B 181 2.58 18.22 19.32
C VAL B 181 1.58 17.19 18.78
N THR B 182 1.88 15.91 18.93
CA THR B 182 0.97 14.87 18.48
C THR B 182 -0.38 15.06 19.18
N LEU B 183 -0.34 15.34 20.47
CA LEU B 183 -1.56 15.53 21.25
C LEU B 183 -2.32 16.75 20.75
N GLN B 184 -1.60 17.86 20.55
CA GLN B 184 -2.23 19.06 20.03
C GLN B 184 -2.87 18.78 18.68
N LEU B 185 -2.12 18.11 17.81
CA LEU B 185 -2.59 17.75 16.48
C LEU B 185 -3.86 16.94 16.59
N HIS B 186 -3.87 15.96 17.48
CA HIS B 186 -5.05 15.14 17.65
C HIS B 186 -6.23 15.99 18.11
N LEU B 187 -5.97 16.89 19.06
CA LEU B 187 -6.99 17.77 19.62
C LEU B 187 -7.62 18.68 18.57
N LYS B 188 -6.85 19.05 17.55
CA LYS B 188 -7.36 19.88 16.48
C LYS B 188 -8.09 19.05 15.43
N MET B 189 -7.50 17.90 15.08
CA MET B 189 -8.06 17.02 14.05
C MET B 189 -9.23 16.15 14.44
N TRP B 190 -9.17 15.54 15.62
CA TRP B 190 -10.26 14.67 16.08
C TRP B 190 -11.65 15.31 16.00
N PRO B 191 -11.80 16.58 16.43
CA PRO B 191 -13.10 17.24 16.36
C PRO B 191 -13.57 17.33 14.91
N ASP B 192 -12.66 17.73 14.02
CA ASP B 192 -12.94 17.85 12.59
C ASP B 192 -13.42 16.52 12.01
N LEU B 193 -12.72 15.45 12.37
CA LEU B 193 -13.03 14.11 11.90
C LEU B 193 -14.47 13.71 12.15
N GLN B 194 -15.11 14.39 13.09
CA GLN B 194 -16.48 14.07 13.43
C GLN B 194 -17.52 14.87 12.69
N LYS B 195 -17.07 15.89 11.98
CA LYS B 195 -17.98 16.73 11.20
C LYS B 195 -18.65 15.93 10.07
N HIS B 196 -18.18 14.72 9.81
CA HIS B 196 -18.75 13.88 8.74
C HIS B 196 -18.59 12.41 9.08
N LYS B 197 -19.72 11.72 9.20
CA LYS B 197 -19.72 10.31 9.54
C LYS B 197 -18.91 9.43 8.59
N GLY B 198 -18.87 9.80 7.31
CA GLY B 198 -18.13 9.01 6.33
C GLY B 198 -16.70 8.77 6.75
N PRO B 199 -15.87 9.81 6.67
CA PRO B 199 -14.45 9.76 7.04
C PRO B 199 -14.29 9.19 8.44
N LEU B 200 -15.15 9.65 9.35
CA LEU B 200 -15.13 9.21 10.73
C LEU B 200 -15.21 7.67 10.79
N ASN B 201 -16.21 7.10 10.12
CA ASN B 201 -16.39 5.64 10.09
C ASN B 201 -15.13 4.93 9.59
N VAL B 202 -14.59 5.43 8.48
CA VAL B 202 -13.40 4.88 7.87
C VAL B 202 -12.22 4.85 8.85
N PHE B 203 -11.93 6.00 9.44
CA PHE B 203 -10.84 6.17 10.41
C PHE B 203 -11.04 5.25 11.60
N GLU B 204 -12.22 5.31 12.18
CA GLU B 204 -12.56 4.52 13.35
C GLU B 204 -12.57 3.03 13.17
N ASN B 205 -13.25 2.57 12.13
CA ASN B 205 -13.42 1.15 11.88
C ASN B 205 -12.55 0.49 10.86
N ILE B 206 -11.89 1.28 10.03
CA ILE B 206 -11.04 0.73 9.01
C ILE B 206 -9.59 1.04 9.29
N GLU B 207 -9.22 2.31 9.28
CA GLU B 207 -7.82 2.68 9.50
C GLU B 207 -7.24 2.32 10.85
N MET B 208 -7.85 2.79 11.93
CA MET B 208 -7.33 2.53 13.26
C MET B 208 -7.11 1.07 13.63
N PRO B 209 -8.11 0.21 13.41
CA PRO B 209 -7.91 -1.20 13.76
C PRO B 209 -6.82 -1.87 12.88
N LEU B 210 -6.59 -1.31 11.69
CA LEU B 210 -5.61 -1.87 10.78
C LEU B 210 -4.20 -1.66 11.30
N VAL B 211 -4.01 -0.62 12.10
CA VAL B 211 -2.70 -0.30 12.64
C VAL B 211 -1.95 -1.50 13.22
N PRO B 212 -2.52 -2.19 14.23
CA PRO B 212 -1.79 -3.34 14.77
C PRO B 212 -1.66 -4.50 13.77
N VAL B 213 -2.58 -4.61 12.81
CA VAL B 213 -2.47 -5.70 11.85
C VAL B 213 -1.32 -5.43 10.88
N LEU B 214 -1.14 -4.18 10.48
CA LEU B 214 -0.04 -3.85 9.59
C LEU B 214 1.27 -4.14 10.31
N SER B 215 1.33 -3.79 11.59
CA SER B 215 2.52 -4.05 12.41
C SER B 215 2.83 -5.55 12.39
N ARG B 216 1.80 -6.35 12.66
CA ARG B 216 1.94 -7.80 12.68
C ARG B 216 2.41 -8.40 11.34
N ILE B 217 1.83 -7.92 10.24
CA ILE B 217 2.19 -8.40 8.91
C ILE B 217 3.64 -8.04 8.62
N GLU B 218 3.99 -6.78 8.84
CA GLU B 218 5.34 -6.31 8.60
C GLU B 218 6.37 -7.06 9.44
N ARG B 219 6.06 -7.27 10.72
CA ARG B 219 7.00 -7.94 11.61
C ARG B 219 7.12 -9.42 11.33
N ASN B 220 6.07 -10.01 10.76
CA ASN B 220 6.09 -11.42 10.41
C ASN B 220 7.02 -11.57 9.23
N GLY B 221 6.85 -10.70 8.24
CA GLY B 221 7.68 -10.73 7.05
C GLY B 221 7.30 -11.86 6.13
N VAL B 222 8.15 -12.13 5.14
CA VAL B 222 7.93 -13.19 4.17
C VAL B 222 9.24 -13.91 3.89
N LYS B 223 9.18 -15.24 3.83
CA LYS B 223 10.35 -16.08 3.54
C LYS B 223 10.70 -15.99 2.06
N ILE B 224 11.93 -15.58 1.77
CA ILE B 224 12.40 -15.46 0.40
C ILE B 224 13.61 -16.36 0.27
N ASP B 225 13.64 -17.19 -0.79
CA ASP B 225 14.77 -18.07 -1.02
C ASP B 225 15.84 -17.33 -1.80
N PRO B 226 16.95 -16.98 -1.13
CA PRO B 226 18.03 -16.26 -1.80
C PRO B 226 18.72 -17.08 -2.89
N LYS B 227 18.75 -18.41 -2.73
CA LYS B 227 19.37 -19.31 -3.70
C LYS B 227 18.62 -19.21 -5.02
N VAL B 228 17.30 -19.38 -4.96
CA VAL B 228 16.45 -19.27 -6.16
C VAL B 228 16.69 -17.91 -6.81
N LEU B 229 16.70 -16.86 -6.00
CA LEU B 229 16.90 -15.51 -6.51
C LEU B 229 18.26 -15.35 -7.15
N HIS B 230 19.28 -15.98 -6.60
CA HIS B 230 20.60 -15.86 -7.21
C HIS B 230 20.68 -16.60 -8.54
N ASN B 231 20.09 -17.79 -8.62
CA ASN B 231 20.08 -18.57 -9.86
C ASN B 231 19.46 -17.69 -10.94
N HIS B 232 18.29 -17.14 -10.60
CA HIS B 232 17.54 -16.27 -11.49
C HIS B 232 18.45 -15.15 -11.97
N SER B 233 19.20 -14.55 -11.06
CA SER B 233 20.13 -13.47 -11.39
C SER B 233 21.12 -13.93 -12.45
N GLU B 234 21.79 -15.05 -12.18
CA GLU B 234 22.77 -15.64 -13.07
C GLU B 234 22.15 -15.86 -14.44
N GLU B 235 21.00 -16.54 -14.46
CA GLU B 235 20.33 -16.81 -15.73
C GLU B 235 19.98 -15.52 -16.46
N LEU B 236 19.50 -14.53 -15.72
CA LEU B 236 19.13 -13.27 -16.34
C LEU B 236 20.33 -12.61 -17.00
N THR B 237 21.51 -12.75 -16.38
CA THR B 237 22.74 -12.19 -16.93
C THR B 237 23.07 -12.86 -18.27
N LEU B 238 22.82 -14.17 -18.33
CA LEU B 238 23.05 -14.94 -19.54
C LEU B 238 22.03 -14.57 -20.60
N ARG B 239 20.78 -14.36 -20.17
CA ARG B 239 19.72 -13.98 -21.09
C ARG B 239 19.93 -12.57 -21.62
N LEU B 240 20.49 -11.70 -20.79
CA LEU B 240 20.73 -10.34 -21.23
C LEU B 240 21.84 -10.36 -22.27
N ALA B 241 22.88 -11.16 -22.04
CA ALA B 241 23.97 -11.26 -23.00
C ALA B 241 23.46 -11.83 -24.32
N GLU B 242 22.68 -12.91 -24.23
CA GLU B 242 22.09 -13.57 -25.40
C GLU B 242 21.19 -12.65 -26.20
N LEU B 243 20.21 -12.04 -25.51
CA LEU B 243 19.28 -11.12 -26.15
C LEU B 243 20.04 -9.99 -26.82
N GLU B 244 21.15 -9.58 -26.20
CA GLU B 244 21.99 -8.50 -26.71
C GLU B 244 22.67 -8.91 -28.01
N LYS B 245 23.15 -10.15 -28.05
CA LYS B 245 23.79 -10.69 -29.25
C LYS B 245 22.72 -10.80 -30.35
N LYS B 246 21.52 -11.21 -29.97
CA LYS B 246 20.43 -11.32 -30.93
C LYS B 246 20.06 -9.95 -31.49
N ALA B 247 20.20 -8.91 -30.67
CA ALA B 247 19.91 -7.55 -31.11
C ALA B 247 20.89 -7.19 -32.22
N HIS B 248 22.18 -7.35 -31.92
CA HIS B 248 23.25 -7.03 -32.86
C HIS B 248 23.12 -7.87 -34.13
N GLU B 249 22.79 -9.14 -33.94
CA GLU B 249 22.64 -10.09 -35.04
C GLU B 249 21.55 -9.71 -36.04
N ILE B 250 20.52 -9.01 -35.57
CA ILE B 250 19.42 -8.59 -36.43
C ILE B 250 19.81 -7.39 -37.28
N ALA B 251 20.70 -6.57 -36.75
CA ALA B 251 21.16 -5.39 -37.47
C ALA B 251 22.66 -5.57 -37.75
N GLY B 252 23.42 -4.49 -37.66
CA GLY B 252 24.84 -4.55 -37.86
C GLY B 252 25.43 -3.81 -36.69
N GLU B 253 26.73 -3.99 -36.46
CA GLU B 253 27.46 -3.34 -35.36
C GLU B 253 26.89 -3.57 -33.95
N GLU B 254 27.51 -2.90 -32.98
CA GLU B 254 27.09 -2.95 -31.58
C GLU B 254 26.39 -1.64 -31.24
N PHE B 255 25.50 -1.68 -30.25
CA PHE B 255 24.77 -0.49 -29.85
C PHE B 255 24.07 -0.70 -28.50
N ASN B 256 23.88 0.39 -27.76
CA ASN B 256 23.19 0.35 -26.48
C ASN B 256 21.73 0.09 -26.82
N LEU B 257 20.96 -0.38 -25.85
CA LEU B 257 19.55 -0.63 -26.12
C LEU B 257 18.75 0.62 -25.71
N SER B 258 19.26 1.79 -26.13
CA SER B 258 18.67 3.10 -25.83
C SER B 258 18.01 3.78 -27.04
N SER B 259 16.70 4.03 -26.95
CA SER B 259 15.95 4.69 -28.04
C SER B 259 16.31 6.17 -28.13
N THR B 260 15.74 6.86 -29.12
CA THR B 260 15.99 8.29 -29.35
C THR B 260 17.49 8.61 -29.49
N LYS B 261 18.28 7.56 -29.68
CA LYS B 261 19.73 7.65 -29.82
C LYS B 261 20.23 6.58 -30.78
N GLN B 262 20.17 5.33 -30.34
CA GLN B 262 20.64 4.20 -31.12
C GLN B 262 19.58 3.44 -31.92
N LEU B 263 18.44 3.16 -31.29
CA LEU B 263 17.35 2.42 -31.94
C LEU B 263 16.75 3.03 -33.21
N GLN B 264 16.51 4.34 -33.20
CA GLN B 264 15.94 5.03 -34.34
C GLN B 264 16.88 4.96 -35.54
N THR B 265 18.18 5.12 -35.30
CA THR B 265 19.19 5.06 -36.35
C THR B 265 19.28 3.66 -36.96
N ILE B 266 18.64 2.69 -36.31
CA ILE B 266 18.63 1.31 -36.76
C ILE B 266 17.25 0.93 -37.30
N LEU B 267 16.28 0.79 -36.40
CA LEU B 267 14.89 0.41 -36.72
C LEU B 267 14.22 1.12 -37.89
N PHE B 268 14.04 2.44 -37.78
CA PHE B 268 13.39 3.24 -38.80
C PHE B 268 14.26 3.53 -40.01
N GLU B 269 15.57 3.42 -39.83
CA GLU B 269 16.53 3.61 -40.92
C GLU B 269 16.52 2.32 -41.76
N LYS B 270 15.85 1.19 -41.10
CA LYS B 270 15.86 -0.05 -41.85
C LYS B 270 14.46 -0.45 -42.26
N GLN B 271 13.62 0.66 -42.38
CA GLN B 271 12.17 0.60 -42.67
C GLN B 271 11.26 0.51 -41.43
N GLY B 272 10.39 1.51 -41.31
CA GLY B 272 9.47 1.61 -40.20
C GLY B 272 9.04 3.06 -40.15
N ILE B 273 8.23 3.47 -39.19
CA ILE B 273 7.80 4.86 -39.16
C ILE B 273 8.41 5.65 -38.01
N LYS B 274 9.14 6.70 -38.38
CA LYS B 274 9.86 7.65 -37.51
C LYS B 274 9.65 7.82 -35.97
N PRO B 275 8.40 7.96 -35.46
CA PRO B 275 8.24 8.11 -34.00
C PRO B 275 8.75 6.94 -33.14
N LEU B 276 9.54 7.25 -32.10
CA LEU B 276 10.11 6.25 -31.19
C LEU B 276 9.05 5.68 -30.23
N LYS B 277 9.47 5.22 -29.06
CA LYS B 277 8.54 4.68 -28.07
C LYS B 277 9.03 5.02 -26.67
N LYS B 278 8.29 5.90 -25.99
CA LYS B 278 8.63 6.34 -24.64
C LYS B 278 8.39 5.23 -23.62
N THR B 279 9.36 5.05 -22.73
CA THR B 279 9.28 4.03 -21.68
C THR B 279 8.91 4.69 -20.34
N PRO B 284 1.70 8.38 -21.20
CA PRO B 284 2.63 8.30 -22.37
C PRO B 284 2.84 6.85 -22.82
N SER B 285 3.70 6.13 -22.11
CA SER B 285 4.04 4.72 -22.40
C SER B 285 2.87 3.74 -22.60
N THR B 286 2.00 3.62 -21.58
CA THR B 286 0.84 2.71 -21.65
C THR B 286 -0.31 3.31 -22.48
N SER B 287 0.04 3.75 -23.70
CA SER B 287 -0.89 4.36 -24.65
C SER B 287 -0.28 4.28 -26.06
N GLU B 288 1.03 4.57 -26.15
CA GLU B 288 1.75 4.54 -27.43
C GLU B 288 3.13 3.87 -27.29
N GLU B 289 3.17 2.56 -27.51
CA GLU B 289 4.42 1.83 -27.42
C GLU B 289 4.81 1.27 -28.79
N VAL B 290 5.33 2.15 -29.63
CA VAL B 290 5.75 1.82 -30.99
C VAL B 290 6.59 0.54 -31.09
N LEU B 291 7.37 0.27 -30.06
CA LEU B 291 8.22 -0.91 -30.05
C LEU B 291 7.43 -2.22 -30.05
N GLU B 292 6.39 -2.31 -29.22
CA GLU B 292 5.61 -3.54 -29.18
C GLU B 292 4.56 -3.68 -30.29
N GLU B 293 4.36 -2.62 -31.07
CA GLU B 293 3.42 -2.68 -32.19
C GLU B 293 4.16 -3.47 -33.27
N LEU B 294 5.36 -2.97 -33.59
CA LEU B 294 6.23 -3.59 -34.58
C LEU B 294 6.47 -5.06 -34.23
N ALA B 295 6.51 -5.35 -32.93
CA ALA B 295 6.75 -6.70 -32.40
C ALA B 295 5.89 -7.86 -32.91
N LEU B 296 4.70 -7.58 -33.44
CA LEU B 296 3.84 -8.65 -33.93
C LEU B 296 4.32 -9.18 -35.30
N ASP B 297 5.31 -8.50 -35.86
CA ASP B 297 5.89 -8.83 -37.15
C ASP B 297 7.40 -8.56 -37.16
N TYR B 298 7.78 -7.33 -36.79
CA TYR B 298 9.19 -6.91 -36.70
C TYR B 298 9.88 -7.52 -35.47
N PRO B 299 10.93 -8.33 -35.69
CA PRO B 299 11.71 -9.01 -34.64
C PRO B 299 12.53 -8.14 -33.68
N LEU B 300 13.27 -7.17 -34.20
CA LEU B 300 14.13 -6.33 -33.35
C LEU B 300 13.44 -5.61 -32.17
N PRO B 301 12.42 -4.78 -32.43
CA PRO B 301 11.75 -4.09 -31.31
C PRO B 301 11.28 -5.06 -30.22
N LYS B 302 11.01 -6.30 -30.62
CA LYS B 302 10.55 -7.36 -29.73
C LYS B 302 11.63 -7.75 -28.70
N VAL B 303 12.88 -7.91 -29.14
CA VAL B 303 13.97 -8.28 -28.22
C VAL B 303 14.42 -7.13 -27.32
N ILE B 304 14.40 -5.91 -27.85
CA ILE B 304 14.78 -4.72 -27.09
C ILE B 304 13.79 -4.52 -25.95
N LEU B 305 12.52 -4.84 -26.25
CA LEU B 305 11.43 -4.74 -25.30
C LEU B 305 11.75 -5.67 -24.11
N GLU B 306 11.88 -6.95 -24.41
CA GLU B 306 12.16 -7.97 -23.39
C GLU B 306 13.48 -7.77 -22.65
N TYR B 307 14.49 -7.27 -23.36
CA TYR B 307 15.78 -7.02 -22.75
C TYR B 307 15.66 -6.01 -21.61
N ARG B 308 15.17 -4.81 -21.92
CA ARG B 308 15.00 -3.74 -20.93
C ARG B 308 14.17 -4.20 -19.75
N GLY B 309 13.09 -4.94 -20.05
CA GLY B 309 12.20 -5.45 -19.03
C GLY B 309 12.93 -6.36 -18.05
N LEU B 310 13.71 -7.29 -18.59
CA LEU B 310 14.48 -8.22 -17.77
C LEU B 310 15.55 -7.46 -17.00
N ALA B 311 16.13 -6.43 -17.63
CA ALA B 311 17.16 -5.62 -17.00
C ALA B 311 16.59 -4.93 -15.77
N LYS B 312 15.38 -4.37 -15.92
CA LYS B 312 14.68 -3.68 -14.84
C LYS B 312 14.42 -4.66 -13.69
N LEU B 313 13.75 -5.75 -14.04
CA LEU B 313 13.39 -6.81 -13.10
C LEU B 313 14.57 -7.38 -12.30
N LYS B 314 15.68 -7.65 -12.98
CA LYS B 314 16.87 -8.19 -12.36
C LYS B 314 17.37 -7.31 -11.24
N SER B 315 17.65 -6.05 -11.56
CA SER B 315 18.18 -5.13 -10.57
C SER B 315 17.22 -4.81 -9.43
N THR B 316 15.93 -4.75 -9.74
CA THR B 316 14.91 -4.42 -8.75
C THR B 316 14.54 -5.52 -7.76
N TYR B 317 14.35 -6.73 -8.27
CA TYR B 317 13.95 -7.83 -7.40
C TYR B 317 14.99 -8.92 -7.29
N THR B 318 15.56 -9.32 -8.41
CA THR B 318 16.54 -10.38 -8.38
C THR B 318 17.79 -10.02 -7.56
N ASP B 319 18.35 -8.83 -7.79
CA ASP B 319 19.56 -8.40 -7.07
C ASP B 319 19.30 -7.79 -5.71
N LYS B 320 18.16 -7.12 -5.56
CA LYS B 320 17.79 -6.45 -4.30
C LYS B 320 17.21 -7.34 -3.22
N LEU B 321 16.19 -8.12 -3.55
CA LEU B 321 15.54 -9.01 -2.59
C LEU B 321 16.43 -9.76 -1.62
N PRO B 322 17.47 -10.46 -2.11
CA PRO B 322 18.34 -11.18 -1.18
C PRO B 322 19.00 -10.24 -0.17
N LEU B 323 19.24 -9.00 -0.60
CA LEU B 323 19.85 -8.00 0.26
C LEU B 323 18.87 -7.52 1.34
N MET B 324 17.57 -7.72 1.11
CA MET B 324 16.56 -7.30 2.07
C MET B 324 16.27 -8.32 3.16
N ILE B 325 16.91 -9.48 3.11
CA ILE B 325 16.67 -10.48 4.13
C ILE B 325 17.22 -9.94 5.45
N ASN B 326 16.35 -9.86 6.45
CA ASN B 326 16.76 -9.35 7.75
C ASN B 326 17.60 -10.40 8.46
N PRO B 327 18.82 -10.03 8.88
CA PRO B 327 19.70 -10.98 9.57
C PRO B 327 19.09 -11.54 10.86
N LYS B 328 18.19 -10.80 11.49
CA LYS B 328 17.59 -11.27 12.74
C LYS B 328 16.51 -12.32 12.57
N THR B 329 15.75 -12.24 11.48
CA THR B 329 14.66 -13.17 11.25
C THR B 329 14.92 -14.09 10.07
N GLY B 330 15.77 -13.63 9.16
CA GLY B 330 16.06 -14.39 7.98
C GLY B 330 14.84 -14.30 7.07
N ARG B 331 14.10 -13.21 7.20
CA ARG B 331 12.91 -12.99 6.39
C ARG B 331 12.89 -11.55 5.89
N VAL B 332 12.10 -11.27 4.86
CA VAL B 332 12.00 -9.92 4.31
C VAL B 332 10.77 -9.27 4.91
N HIS B 333 10.94 -8.06 5.42
CA HIS B 333 9.87 -7.32 6.04
C HIS B 333 9.54 -6.13 5.18
N THR B 334 8.49 -6.25 4.39
CA THR B 334 8.11 -5.16 3.53
C THR B 334 7.46 -4.06 4.35
N SER B 335 7.60 -2.83 3.88
CA SER B 335 7.04 -1.68 4.54
C SER B 335 5.76 -1.25 3.83
N TYR B 336 4.63 -1.45 4.48
CA TYR B 336 3.35 -1.03 3.92
C TYR B 336 3.12 0.41 4.36
N HIS B 337 2.47 1.18 3.50
CA HIS B 337 2.19 2.58 3.81
C HIS B 337 0.69 2.76 3.83
N GLN B 338 0.17 3.04 5.02
CA GLN B 338 -1.27 3.20 5.21
C GLN B 338 -1.80 4.57 4.88
N ALA B 339 -0.93 5.57 4.85
CA ALA B 339 -1.37 6.93 4.55
C ALA B 339 -0.62 7.58 3.40
N VAL B 340 -0.71 6.99 2.22
CA VAL B 340 0.01 7.51 1.06
C VAL B 340 -0.82 7.64 -0.23
N THR B 341 -1.61 6.63 -0.55
CA THR B 341 -2.39 6.69 -1.78
C THR B 341 -3.56 7.65 -1.71
N ALA B 342 -3.84 8.30 -2.84
CA ALA B 342 -4.93 9.24 -2.91
C ALA B 342 -6.27 8.52 -2.73
N THR B 343 -6.29 7.25 -3.09
CA THR B 343 -7.49 6.43 -3.02
C THR B 343 -7.74 5.68 -1.73
N GLY B 344 -6.67 5.42 -0.98
CA GLY B 344 -6.81 4.69 0.26
C GLY B 344 -6.30 3.25 0.18
N ARG B 345 -5.66 2.90 -0.93
CA ARG B 345 -5.11 1.56 -1.08
C ARG B 345 -3.78 1.51 -0.35
N LEU B 346 -3.46 0.37 0.23
CA LEU B 346 -2.18 0.23 0.88
C LEU B 346 -1.13 0.14 -0.22
N SER B 347 0.00 0.79 -0.02
CA SER B 347 1.06 0.72 -0.99
C SER B 347 2.14 -0.06 -0.27
N SER B 348 3.22 -0.36 -0.96
CA SER B 348 4.27 -1.16 -0.35
C SER B 348 5.64 -0.78 -0.89
N THR B 349 6.66 -0.92 -0.05
CA THR B 349 8.03 -0.63 -0.44
C THR B 349 9.00 -1.58 0.27
N ASP B 350 10.18 -1.72 -0.33
CA ASP B 350 11.25 -2.56 0.20
C ASP B 350 10.81 -3.92 0.71
N PRO B 351 10.26 -4.75 -0.18
CA PRO B 351 10.07 -4.45 -1.61
C PRO B 351 8.66 -3.96 -1.94
N ASN B 352 8.54 -3.29 -3.07
CA ASN B 352 7.26 -2.82 -3.55
C ASN B 352 6.64 -4.04 -4.21
N LEU B 353 5.95 -4.84 -3.42
CA LEU B 353 5.32 -6.06 -3.91
C LEU B 353 4.42 -5.87 -5.12
N GLN B 354 3.85 -4.69 -5.25
CA GLN B 354 2.91 -4.44 -6.34
C GLN B 354 3.49 -4.25 -7.74
N ASN B 355 4.79 -3.99 -7.83
CA ASN B 355 5.42 -3.81 -9.13
C ASN B 355 6.00 -5.08 -9.76
N ILE B 356 5.86 -6.19 -9.05
CA ILE B 356 6.31 -7.49 -9.55
C ILE B 356 5.30 -7.85 -10.63
N PRO B 357 5.76 -7.95 -11.90
CA PRO B 357 4.90 -8.30 -13.04
C PRO B 357 4.00 -9.48 -12.76
N VAL B 358 2.69 -9.27 -12.94
CA VAL B 358 1.71 -10.32 -12.71
C VAL B 358 1.59 -11.24 -13.92
N ARG B 359 1.23 -10.65 -15.06
CA ARG B 359 1.11 -11.43 -16.29
C ARG B 359 2.44 -11.34 -17.06
N ASN B 360 3.38 -12.19 -16.65
CA ASN B 360 4.71 -12.30 -17.23
C ASN B 360 5.40 -13.48 -16.55
N GLU B 361 6.19 -14.23 -17.30
CA GLU B 361 6.88 -15.39 -16.75
C GLU B 361 7.94 -15.04 -15.70
N GLU B 362 8.74 -14.03 -15.98
CA GLU B 362 9.79 -13.64 -15.05
C GLU B 362 9.22 -13.17 -13.71
N GLY B 363 8.12 -12.44 -13.76
CA GLY B 363 7.48 -11.98 -12.54
C GLY B 363 7.14 -13.20 -11.72
N ARG B 364 6.62 -14.23 -12.39
CA ARG B 364 6.23 -15.48 -11.75
C ARG B 364 7.41 -16.13 -11.03
N ARG B 365 8.59 -16.06 -11.65
CA ARG B 365 9.80 -16.64 -11.07
C ARG B 365 10.24 -15.91 -9.81
N ILE B 366 9.83 -14.65 -9.72
CA ILE B 366 10.12 -13.83 -8.56
C ILE B 366 9.24 -14.39 -7.46
N ARG B 367 7.94 -14.52 -7.75
CA ARG B 367 6.98 -15.03 -6.78
C ARG B 367 7.31 -16.43 -6.29
N GLN B 368 8.03 -17.20 -7.11
CA GLN B 368 8.41 -18.55 -6.72
C GLN B 368 9.42 -18.50 -5.58
N ALA B 369 10.15 -17.39 -5.48
CA ALA B 369 11.13 -17.20 -4.43
C ALA B 369 10.51 -16.89 -3.06
N PHE B 370 9.21 -16.58 -3.06
CA PHE B 370 8.49 -16.31 -1.83
C PHE B 370 7.97 -17.67 -1.43
N ILE B 371 8.69 -18.29 -0.50
CA ILE B 371 8.38 -19.64 -0.09
C ILE B 371 7.84 -19.83 1.30
N ALA B 372 7.23 -20.99 1.47
CA ALA B 372 6.65 -21.38 2.74
C ALA B 372 7.68 -22.16 3.54
N PRO B 373 7.77 -21.88 4.84
CA PRO B 373 8.72 -22.60 5.67
C PRO B 373 8.31 -24.08 5.74
N GLU B 374 9.20 -24.92 6.29
CA GLU B 374 8.95 -26.34 6.39
C GLU B 374 7.59 -26.63 7.02
N ASP B 375 6.85 -27.53 6.40
CA ASP B 375 5.53 -27.96 6.87
C ASP B 375 4.43 -26.91 6.76
N TYR B 376 4.71 -25.84 6.04
CA TYR B 376 3.73 -24.78 5.82
C TYR B 376 3.55 -24.64 4.32
N VAL B 377 2.50 -23.93 3.91
CA VAL B 377 2.24 -23.70 2.50
C VAL B 377 1.76 -22.27 2.35
N ILE B 378 1.96 -21.72 1.16
CA ILE B 378 1.52 -20.37 0.90
C ILE B 378 0.08 -20.43 0.46
N VAL B 379 -0.76 -19.57 1.03
CA VAL B 379 -2.17 -19.52 0.68
C VAL B 379 -2.50 -18.11 0.18
N SER B 380 -2.96 -18.03 -1.06
CA SER B 380 -3.33 -16.77 -1.68
C SER B 380 -4.85 -16.65 -1.73
N ALA B 381 -5.37 -15.59 -1.14
CA ALA B 381 -6.79 -15.31 -1.11
C ALA B 381 -6.97 -14.03 -1.89
N ASP B 382 -7.55 -14.13 -3.08
CA ASP B 382 -7.72 -12.99 -3.95
C ASP B 382 -9.18 -12.68 -4.19
N TYR B 383 -9.52 -11.39 -4.18
CA TYR B 383 -10.88 -10.94 -4.47
C TYR B 383 -10.92 -10.85 -5.98
N SER B 384 -11.53 -11.83 -6.64
CA SER B 384 -11.58 -11.82 -8.10
C SER B 384 -12.27 -10.57 -8.63
N GLN B 385 -11.48 -9.79 -9.39
CA GLN B 385 -11.89 -8.54 -10.03
C GLN B 385 -12.90 -7.74 -9.22
N ILE B 386 -12.53 -7.50 -7.97
CA ILE B 386 -13.36 -6.79 -7.03
C ILE B 386 -13.79 -5.41 -7.56
N GLU B 387 -12.88 -4.69 -8.20
CA GLU B 387 -13.23 -3.36 -8.69
C GLU B 387 -14.31 -3.39 -9.73
N LEU B 388 -14.37 -4.47 -10.49
CA LEU B 388 -15.38 -4.59 -11.52
C LEU B 388 -16.70 -4.91 -10.84
N ARG B 389 -16.64 -5.67 -9.74
CA ARG B 389 -17.84 -6.02 -9.00
C ARG B 389 -18.38 -4.77 -8.31
N ILE B 390 -17.46 -3.91 -7.89
CA ILE B 390 -17.85 -2.68 -7.23
C ILE B 390 -18.54 -1.79 -8.22
N MET B 391 -18.01 -1.70 -9.44
CA MET B 391 -18.58 -0.87 -10.48
C MET B 391 -19.99 -1.38 -10.82
N ALA B 392 -20.15 -2.69 -10.88
CA ALA B 392 -21.47 -3.27 -11.16
C ALA B 392 -22.45 -2.80 -10.08
N HIS B 393 -22.00 -2.83 -8.82
CA HIS B 393 -22.82 -2.41 -7.70
C HIS B 393 -23.11 -0.91 -7.77
N LEU B 394 -22.06 -0.10 -7.91
CA LEU B 394 -22.20 1.34 -7.99
C LEU B 394 -23.11 1.82 -9.12
N SER B 395 -23.13 1.07 -10.22
CA SER B 395 -23.95 1.46 -11.36
C SER B 395 -25.33 0.81 -11.33
N ARG B 396 -25.55 -0.05 -10.35
CA ARG B 396 -26.82 -0.75 -10.17
C ARG B 396 -27.27 -1.43 -11.45
N ASP B 397 -26.31 -1.79 -12.30
CA ASP B 397 -26.64 -2.43 -13.57
C ASP B 397 -26.97 -3.91 -13.41
N LYS B 398 -28.24 -4.25 -13.65
CA LYS B 398 -28.73 -5.62 -13.54
C LYS B 398 -27.97 -6.55 -14.49
N GLY B 399 -27.54 -6.02 -15.63
CA GLY B 399 -26.80 -6.83 -16.59
C GLY B 399 -25.55 -7.35 -15.93
N LEU B 400 -24.69 -6.43 -15.50
CA LEU B 400 -23.44 -6.76 -14.84
C LEU B 400 -23.68 -7.56 -13.56
N LEU B 401 -24.60 -7.08 -12.74
CA LEU B 401 -24.92 -7.75 -11.49
C LEU B 401 -25.31 -9.19 -11.73
N THR B 402 -26.14 -9.43 -12.75
CA THR B 402 -26.57 -10.77 -13.06
C THR B 402 -25.43 -11.61 -13.60
N ALA B 403 -24.57 -11.00 -14.42
CA ALA B 403 -23.42 -11.71 -14.96
C ALA B 403 -22.62 -12.31 -13.80
N PHE B 404 -22.33 -11.48 -12.80
CA PHE B 404 -21.61 -11.92 -11.61
C PHE B 404 -22.44 -12.90 -10.81
N ALA B 405 -23.74 -12.63 -10.70
CA ALA B 405 -24.64 -13.49 -9.95
C ALA B 405 -24.60 -14.94 -10.42
N GLU B 406 -24.69 -15.15 -11.73
CA GLU B 406 -24.66 -16.50 -12.26
C GLU B 406 -23.27 -17.04 -12.61
N GLY B 407 -22.25 -16.46 -11.98
CA GLY B 407 -20.88 -16.88 -12.17
C GLY B 407 -20.30 -16.83 -13.57
N LYS B 408 -20.81 -15.96 -14.42
CA LYS B 408 -20.27 -15.88 -15.76
C LYS B 408 -19.12 -14.92 -15.87
N ASP B 409 -18.23 -15.18 -16.82
CA ASP B 409 -17.06 -14.36 -17.08
C ASP B 409 -17.57 -13.03 -17.59
N ILE B 410 -17.53 -11.99 -16.76
CA ILE B 410 -18.04 -10.68 -17.18
C ILE B 410 -17.44 -10.16 -18.46
N HIS B 411 -16.17 -10.44 -18.70
CA HIS B 411 -15.55 -9.95 -19.92
C HIS B 411 -16.19 -10.61 -21.14
N ARG B 412 -16.55 -11.89 -21.01
CA ARG B 412 -17.21 -12.60 -22.09
C ARG B 412 -18.69 -12.16 -22.13
N ALA B 413 -19.31 -12.02 -20.95
CA ALA B 413 -20.71 -11.60 -20.86
C ALA B 413 -20.85 -10.20 -21.41
N THR B 414 -19.90 -9.34 -21.07
CA THR B 414 -19.87 -7.96 -21.54
C THR B 414 -19.78 -8.00 -23.06
N ALA B 415 -18.89 -8.84 -23.56
CA ALA B 415 -18.70 -8.99 -25.00
C ALA B 415 -19.95 -9.58 -25.65
N ALA B 416 -20.57 -10.55 -24.98
CA ALA B 416 -21.76 -11.19 -25.51
C ALA B 416 -22.85 -10.15 -25.71
N GLU B 417 -22.92 -9.19 -24.79
CA GLU B 417 -23.92 -8.13 -24.84
C GLU B 417 -23.53 -6.98 -25.77
N VAL B 418 -22.30 -6.51 -25.66
CA VAL B 418 -21.81 -5.41 -26.50
C VAL B 418 -21.79 -5.78 -27.99
N PHE B 419 -21.29 -6.97 -28.31
CA PHE B 419 -21.22 -7.42 -29.69
C PHE B 419 -22.45 -8.23 -30.12
N GLY B 420 -23.34 -8.48 -29.17
CA GLY B 420 -24.56 -9.21 -29.45
C GLY B 420 -24.35 -10.59 -30.05
N LEU B 421 -23.95 -11.55 -29.23
CA LEU B 421 -23.74 -12.91 -29.68
C LEU B 421 -23.73 -13.84 -28.47
N PRO B 422 -24.02 -15.13 -28.67
CA PRO B 422 -24.05 -16.12 -27.59
C PRO B 422 -22.78 -16.14 -26.73
N LEU B 423 -22.94 -16.34 -25.43
CA LEU B 423 -21.81 -16.37 -24.51
C LEU B 423 -20.79 -17.42 -24.91
N GLU B 424 -21.26 -18.60 -25.31
CA GLU B 424 -20.36 -19.68 -25.68
C GLU B 424 -19.54 -19.37 -26.92
N THR B 425 -19.98 -18.42 -27.74
CA THR B 425 -19.25 -18.11 -28.96
C THR B 425 -18.40 -16.85 -28.95
N VAL B 426 -18.35 -16.13 -27.84
CA VAL B 426 -17.53 -14.91 -27.87
C VAL B 426 -16.10 -15.36 -28.03
N THR B 427 -15.42 -14.73 -29.00
CA THR B 427 -14.03 -15.03 -29.32
C THR B 427 -13.08 -14.28 -28.42
N SER B 428 -11.84 -14.76 -28.34
CA SER B 428 -10.82 -14.12 -27.52
C SER B 428 -10.60 -12.66 -27.87
N GLU B 429 -10.80 -12.31 -29.14
CA GLU B 429 -10.60 -10.93 -29.55
C GLU B 429 -11.72 -10.06 -28.99
N GLN B 430 -12.95 -10.58 -29.00
CA GLN B 430 -14.10 -9.85 -28.50
C GLN B 430 -14.03 -9.74 -26.99
N ARG B 431 -13.66 -10.84 -26.34
CA ARG B 431 -13.52 -10.90 -24.89
C ARG B 431 -12.43 -9.91 -24.47
N ARG B 432 -11.35 -9.88 -25.23
CA ARG B 432 -10.25 -8.96 -24.97
C ARG B 432 -10.72 -7.52 -25.20
N SER B 433 -11.60 -7.31 -26.17
CA SER B 433 -12.11 -5.96 -26.43
C SER B 433 -13.01 -5.49 -25.28
N ALA B 434 -13.95 -6.33 -24.89
CA ALA B 434 -14.87 -6.03 -23.79
C ALA B 434 -14.08 -5.78 -22.52
N LYS B 435 -12.98 -6.52 -22.36
CA LYS B 435 -12.11 -6.41 -21.21
C LYS B 435 -11.43 -5.03 -21.17
N ALA B 436 -10.99 -4.56 -22.34
CA ALA B 436 -10.33 -3.26 -22.46
C ALA B 436 -11.33 -2.17 -22.09
N ILE B 437 -12.59 -2.41 -22.42
CA ILE B 437 -13.67 -1.46 -22.12
C ILE B 437 -13.89 -1.47 -20.61
N ASN B 438 -14.23 -2.65 -20.08
CA ASN B 438 -14.50 -2.82 -18.66
C ASN B 438 -13.48 -2.16 -17.75
N PHE B 439 -12.21 -2.49 -17.96
CA PHE B 439 -11.17 -1.90 -17.13
C PHE B 439 -10.91 -0.44 -17.50
N GLY B 440 -11.23 -0.07 -18.73
CA GLY B 440 -11.05 1.30 -19.15
C GLY B 440 -12.01 2.19 -18.39
N LEU B 441 -13.20 1.65 -18.13
CA LEU B 441 -14.23 2.38 -17.40
C LEU B 441 -13.80 2.71 -15.97
N ILE B 442 -13.15 1.75 -15.30
CA ILE B 442 -12.69 1.95 -13.93
C ILE B 442 -11.77 3.18 -13.85
N TYR B 443 -10.90 3.32 -14.84
CA TYR B 443 -9.98 4.44 -14.87
C TYR B 443 -10.55 5.64 -15.63
N GLY B 444 -11.83 5.56 -15.98
CA GLY B 444 -12.50 6.64 -16.70
C GLY B 444 -11.86 6.96 -18.04
N MET B 445 -11.22 5.97 -18.65
CA MET B 445 -10.54 6.12 -19.93
C MET B 445 -11.41 6.66 -21.06
N SER B 446 -10.87 7.68 -21.74
CA SER B 446 -11.53 8.31 -22.87
C SER B 446 -11.50 7.36 -24.07
N ALA B 447 -12.57 7.40 -24.87
CA ALA B 447 -12.70 6.53 -26.06
C ALA B 447 -11.44 6.45 -26.92
N PHE B 448 -10.69 7.54 -26.98
CA PHE B 448 -9.46 7.59 -27.76
C PHE B 448 -8.41 6.73 -27.06
N GLY B 449 -8.36 6.85 -25.73
CA GLY B 449 -7.42 6.07 -24.95
C GLY B 449 -7.65 4.59 -25.12
N LEU B 450 -8.92 4.18 -25.13
CA LEU B 450 -9.30 2.78 -25.31
C LEU B 450 -8.80 2.29 -26.68
N ALA B 451 -8.90 3.15 -27.68
CA ALA B 451 -8.45 2.82 -29.02
C ALA B 451 -6.95 2.57 -29.04
N ARG B 452 -6.19 3.39 -28.31
CA ARG B 452 -4.74 3.26 -28.24
C ARG B 452 -4.30 1.95 -27.56
N GLN B 453 -5.12 1.46 -26.64
CA GLN B 453 -4.82 0.21 -25.94
C GLN B 453 -5.27 -0.98 -26.78
N LEU B 454 -6.36 -0.79 -27.53
CA LEU B 454 -6.92 -1.85 -28.36
C LEU B 454 -6.42 -1.86 -29.81
N ASN B 455 -5.62 -0.87 -30.19
CA ASN B 455 -5.07 -0.77 -31.55
C ASN B 455 -6.11 -0.64 -32.66
N ILE B 456 -7.32 -0.24 -32.31
CA ILE B 456 -8.39 -0.04 -33.27
C ILE B 456 -8.47 1.47 -33.51
N PRO B 457 -9.07 1.89 -34.63
CA PRO B 457 -9.19 3.32 -34.91
C PRO B 457 -10.13 4.04 -33.94
N ARG B 458 -9.91 5.35 -33.78
CA ARG B 458 -10.77 6.18 -32.91
C ARG B 458 -12.16 6.03 -33.51
N LYS B 459 -13.19 6.37 -32.73
CA LYS B 459 -14.58 6.27 -33.23
C LYS B 459 -15.04 4.81 -33.37
N GLU B 460 -14.11 3.90 -33.67
CA GLU B 460 -14.42 2.46 -33.73
C GLU B 460 -14.53 2.09 -32.25
N ALA B 461 -13.66 2.71 -31.46
CA ALA B 461 -13.64 2.51 -30.01
C ALA B 461 -14.91 3.15 -29.48
N GLN B 462 -15.19 4.35 -29.95
CA GLN B 462 -16.38 5.09 -29.55
C GLN B 462 -17.63 4.25 -29.85
N LYS B 463 -17.61 3.56 -30.98
CA LYS B 463 -18.71 2.70 -31.40
C LYS B 463 -18.91 1.65 -30.32
N TYR B 464 -17.81 1.03 -29.89
CA TYR B 464 -17.85 0.01 -28.84
C TYR B 464 -18.39 0.59 -27.53
N MET B 465 -17.95 1.79 -27.19
CA MET B 465 -18.39 2.44 -25.96
C MET B 465 -19.87 2.79 -25.97
N ASP B 466 -20.35 3.33 -27.09
CA ASP B 466 -21.76 3.70 -27.20
C ASP B 466 -22.62 2.45 -27.05
N LEU B 467 -22.13 1.35 -27.64
CA LEU B 467 -22.81 0.07 -27.57
C LEU B 467 -22.79 -0.49 -26.16
N TYR B 468 -21.72 -0.17 -25.42
CA TYR B 468 -21.61 -0.62 -24.03
C TYR B 468 -22.66 0.12 -23.21
N PHE B 469 -22.55 1.44 -23.22
CA PHE B 469 -23.46 2.29 -22.46
C PHE B 469 -24.93 2.04 -22.76
N GLU B 470 -25.22 1.61 -23.98
CA GLU B 470 -26.60 1.33 -24.34
C GLU B 470 -27.02 0.01 -23.71
N ARG B 471 -26.13 -0.96 -23.72
CA ARG B 471 -26.42 -2.27 -23.17
C ARG B 471 -26.29 -2.26 -21.65
N TYR B 472 -25.47 -1.33 -21.15
CA TYR B 472 -25.22 -1.17 -19.71
C TYR B 472 -25.42 0.29 -19.31
N PRO B 473 -26.68 0.75 -19.31
CA PRO B 473 -27.11 2.12 -18.96
C PRO B 473 -26.64 2.58 -17.59
N GLY B 474 -26.81 1.71 -16.59
CA GLY B 474 -26.41 2.03 -15.23
C GLY B 474 -25.00 2.58 -15.10
N VAL B 475 -24.06 2.04 -15.87
CA VAL B 475 -22.67 2.48 -15.80
C VAL B 475 -22.52 3.94 -16.20
N LEU B 476 -23.22 4.35 -17.26
CA LEU B 476 -23.14 5.72 -17.72
C LEU B 476 -23.72 6.63 -16.65
N GLU B 477 -24.90 6.25 -16.16
CA GLU B 477 -25.58 7.02 -15.12
C GLU B 477 -24.63 7.21 -13.95
N TYR B 478 -23.97 6.13 -13.55
CA TYR B 478 -23.02 6.19 -12.45
C TYR B 478 -21.94 7.20 -12.79
N MET B 479 -21.38 7.07 -13.99
CA MET B 479 -20.32 7.96 -14.41
C MET B 479 -20.75 9.42 -14.37
N GLU B 480 -21.97 9.69 -14.82
CA GLU B 480 -22.46 11.05 -14.83
C GLU B 480 -22.75 11.55 -13.42
N ARG B 481 -23.44 10.73 -12.64
CA ARG B 481 -23.77 11.08 -11.26
C ARG B 481 -22.50 11.33 -10.42
N THR B 482 -21.43 10.61 -10.74
CA THR B 482 -20.16 10.74 -10.02
C THR B 482 -19.43 12.03 -10.42
N ARG B 483 -19.43 12.34 -11.71
CA ARG B 483 -18.77 13.55 -12.17
C ARG B 483 -19.55 14.74 -11.62
N ALA B 484 -20.86 14.55 -11.48
CA ALA B 484 -21.76 15.58 -10.96
C ALA B 484 -21.45 15.93 -9.50
N GLN B 485 -21.51 14.95 -8.60
CA GLN B 485 -21.23 15.22 -7.19
C GLN B 485 -19.80 15.72 -7.03
N ALA B 486 -18.91 15.25 -7.89
CA ALA B 486 -17.52 15.68 -7.84
C ALA B 486 -17.43 17.19 -7.95
N LYS B 487 -18.15 17.78 -8.90
CA LYS B 487 -18.15 19.23 -9.08
C LYS B 487 -18.91 19.97 -7.99
N GLU B 488 -20.10 19.49 -7.65
CA GLU B 488 -20.92 20.10 -6.61
C GLU B 488 -20.21 20.17 -5.26
N GLN B 489 -19.67 19.05 -4.82
CA GLN B 489 -19.01 19.03 -3.51
C GLN B 489 -17.49 18.92 -3.48
N GLY B 490 -16.83 19.01 -4.63
CA GLY B 490 -15.38 18.94 -4.64
C GLY B 490 -14.71 17.64 -4.18
N TYR B 491 -15.50 16.59 -3.95
CA TYR B 491 -14.95 15.31 -3.51
C TYR B 491 -15.87 14.15 -3.87
N VAL B 492 -15.29 12.96 -3.91
CA VAL B 492 -16.04 11.74 -4.15
C VAL B 492 -15.72 10.83 -2.97
N GLU B 493 -16.64 9.96 -2.63
CA GLU B 493 -16.43 9.06 -1.51
C GLU B 493 -16.69 7.61 -1.87
N THR B 494 -16.20 6.71 -1.03
CA THR B 494 -16.40 5.27 -1.26
C THR B 494 -17.62 4.80 -0.49
N LEU B 495 -17.97 3.53 -0.66
CA LEU B 495 -19.12 2.96 0.03
C LEU B 495 -19.04 3.15 1.54
N ASP B 496 -17.83 3.16 2.08
CA ASP B 496 -17.63 3.34 3.52
C ASP B 496 -17.48 4.81 3.92
N GLY B 497 -17.50 5.69 2.94
CA GLY B 497 -17.41 7.10 3.21
C GLY B 497 -16.03 7.70 3.06
N ARG B 498 -15.08 6.88 2.63
CA ARG B 498 -13.73 7.35 2.43
C ARG B 498 -13.81 8.43 1.33
N ARG B 499 -13.19 9.58 1.58
CA ARG B 499 -13.25 10.66 0.61
C ARG B 499 -11.96 10.94 -0.11
N LEU B 500 -12.10 11.27 -1.38
CA LEU B 500 -10.96 11.68 -2.20
C LEU B 500 -11.37 13.06 -2.64
N TYR B 501 -10.55 14.05 -2.32
CA TYR B 501 -10.82 15.42 -2.67
C TYR B 501 -10.22 15.74 -4.03
N LEU B 502 -11.05 16.30 -4.91
CA LEU B 502 -10.64 16.64 -6.26
C LEU B 502 -10.63 18.18 -6.41
N PRO B 503 -9.50 18.83 -6.04
CA PRO B 503 -9.36 20.29 -6.13
C PRO B 503 -9.41 20.85 -7.55
N ASP B 504 -8.90 20.09 -8.50
CA ASP B 504 -8.87 20.50 -9.89
C ASP B 504 -10.13 20.08 -10.63
N ILE B 505 -11.18 19.75 -9.89
CA ILE B 505 -12.41 19.31 -10.53
C ILE B 505 -12.99 20.43 -11.40
N LYS B 506 -12.89 21.68 -10.94
CA LYS B 506 -13.39 22.81 -11.71
C LYS B 506 -12.20 23.62 -12.17
N SER B 507 -11.05 22.94 -12.28
CA SER B 507 -9.77 23.54 -12.65
C SER B 507 -9.68 24.71 -13.61
N SER B 508 -10.55 24.75 -14.62
CA SER B 508 -10.55 25.79 -15.65
C SER B 508 -9.37 25.52 -16.59
N ASN B 509 -8.56 24.53 -16.20
CA ASN B 509 -7.41 24.06 -16.96
C ASN B 509 -7.99 22.81 -17.63
N GLY B 510 -7.41 22.41 -18.77
CA GLY B 510 -7.92 21.24 -19.49
C GLY B 510 -7.56 19.87 -18.95
N ALA B 511 -6.35 19.42 -19.24
CA ALA B 511 -5.88 18.09 -18.81
C ALA B 511 -5.92 17.92 -17.30
N ARG B 512 -5.62 18.99 -16.57
CA ARG B 512 -5.62 18.98 -15.12
C ARG B 512 -7.02 18.66 -14.59
N ARG B 513 -8.03 19.21 -15.26
CA ARG B 513 -9.42 18.98 -14.86
C ARG B 513 -9.85 17.61 -15.36
N ALA B 514 -9.36 17.23 -16.53
CA ALA B 514 -9.68 15.93 -17.12
C ALA B 514 -9.21 14.84 -16.16
N ALA B 515 -8.01 15.02 -15.65
CA ALA B 515 -7.42 14.10 -14.71
C ALA B 515 -8.33 14.00 -13.49
N ALA B 516 -8.75 15.15 -12.97
CA ALA B 516 -9.63 15.20 -11.81
C ALA B 516 -10.89 14.38 -12.07
N GLU B 517 -11.38 14.43 -13.30
CA GLU B 517 -12.60 13.70 -13.66
C GLU B 517 -12.38 12.19 -13.72
N ARG B 518 -11.24 11.76 -14.25
CA ARG B 518 -10.92 10.34 -14.30
C ARG B 518 -10.84 9.86 -12.86
N ALA B 519 -10.21 10.69 -12.03
CA ALA B 519 -10.06 10.38 -10.62
C ALA B 519 -11.44 10.31 -9.96
N ALA B 520 -12.36 11.15 -10.41
CA ALA B 520 -13.72 11.17 -9.86
C ALA B 520 -14.46 9.84 -10.02
N ILE B 521 -14.33 9.26 -11.20
CA ILE B 521 -14.98 7.99 -11.51
C ILE B 521 -14.21 6.81 -10.91
N ASN B 522 -12.89 6.87 -10.99
CA ASN B 522 -12.04 5.81 -10.49
C ASN B 522 -12.00 5.61 -8.98
N ALA B 523 -11.72 6.69 -8.25
CA ALA B 523 -11.60 6.63 -6.79
C ALA B 523 -12.68 5.88 -6.03
N PRO B 524 -13.96 6.09 -6.37
CA PRO B 524 -14.99 5.37 -5.62
C PRO B 524 -14.82 3.85 -5.71
N MET B 525 -14.44 3.37 -6.89
CA MET B 525 -14.25 1.94 -7.09
C MET B 525 -12.95 1.45 -6.47
N GLN B 526 -11.85 2.13 -6.79
CA GLN B 526 -10.55 1.76 -6.25
C GLN B 526 -10.56 1.91 -4.72
N GLY B 527 -11.10 3.04 -4.25
CA GLY B 527 -11.18 3.31 -2.83
C GLY B 527 -12.00 2.27 -2.10
N THR B 528 -13.14 1.89 -2.68
CA THR B 528 -13.99 0.88 -2.06
C THR B 528 -13.28 -0.47 -1.96
N ALA B 529 -12.50 -0.81 -2.99
CA ALA B 529 -11.73 -2.06 -2.99
C ALA B 529 -10.79 -1.98 -1.81
N ALA B 530 -10.08 -0.85 -1.70
CA ALA B 530 -9.17 -0.62 -0.59
C ALA B 530 -9.89 -0.88 0.73
N ASP B 531 -11.00 -0.18 0.96
CA ASP B 531 -11.78 -0.35 2.19
C ASP B 531 -12.06 -1.80 2.47
N ILE B 532 -12.52 -2.52 1.45
CA ILE B 532 -12.86 -3.93 1.62
C ILE B 532 -11.65 -4.74 2.00
N ILE B 533 -10.55 -4.54 1.28
CA ILE B 533 -9.32 -5.26 1.57
C ILE B 533 -8.88 -4.99 3.01
N LYS B 534 -9.01 -3.76 3.46
CA LYS B 534 -8.63 -3.42 4.82
C LYS B 534 -9.53 -4.09 5.84
N ARG B 535 -10.82 -4.16 5.53
CA ARG B 535 -11.74 -4.81 6.45
C ARG B 535 -11.49 -6.32 6.49
N ALA B 536 -11.07 -6.88 5.36
CA ALA B 536 -10.79 -8.32 5.30
C ALA B 536 -9.58 -8.58 6.18
N MET B 537 -8.59 -7.69 6.09
CA MET B 537 -7.41 -7.85 6.91
C MET B 537 -7.72 -7.81 8.39
N ILE B 538 -8.52 -6.83 8.79
CA ILE B 538 -8.91 -6.68 10.19
C ILE B 538 -9.69 -7.92 10.61
N ALA B 539 -10.67 -8.33 9.79
CA ALA B 539 -11.49 -9.49 10.08
C ALA B 539 -10.64 -10.73 10.24
N VAL B 540 -9.76 -10.97 9.28
CA VAL B 540 -8.89 -12.15 9.31
C VAL B 540 -7.97 -12.09 10.52
N ASP B 541 -7.31 -10.95 10.70
CA ASP B 541 -6.40 -10.79 11.83
C ASP B 541 -7.07 -11.01 13.19
N ALA B 542 -8.34 -10.63 13.30
CA ALA B 542 -9.08 -10.77 14.54
C ALA B 542 -9.25 -12.22 14.87
N TRP B 543 -9.55 -13.02 13.86
CA TRP B 543 -9.70 -14.47 14.01
C TRP B 543 -8.35 -15.07 14.40
N LEU B 544 -7.31 -14.61 13.71
CA LEU B 544 -5.95 -15.05 13.96
C LEU B 544 -5.59 -14.81 15.42
N GLN B 545 -5.83 -13.59 15.89
CA GLN B 545 -5.54 -13.23 17.27
C GLN B 545 -6.40 -13.96 18.26
N ALA B 546 -7.66 -14.20 17.91
CA ALA B 546 -8.56 -14.89 18.84
C ALA B 546 -8.37 -16.40 18.88
N GLU B 547 -8.39 -17.04 17.72
CA GLU B 547 -8.25 -18.50 17.64
C GLU B 547 -6.83 -19.05 17.63
N GLN B 548 -5.85 -18.20 17.34
CA GLN B 548 -4.44 -18.59 17.31
C GLN B 548 -4.10 -19.84 16.47
N PRO B 549 -4.64 -19.91 15.24
CA PRO B 549 -4.41 -21.06 14.35
C PRO B 549 -3.00 -20.99 13.77
N ARG B 550 -2.54 -22.08 13.17
CA ARG B 550 -1.19 -22.11 12.59
C ARG B 550 -1.12 -21.43 11.23
N VAL B 551 -1.32 -20.11 11.24
CA VAL B 551 -1.29 -19.30 10.03
C VAL B 551 -0.77 -17.88 10.30
N ARG B 552 -0.06 -17.32 9.33
CA ARG B 552 0.51 -15.98 9.39
C ARG B 552 0.07 -15.24 8.15
N MET B 553 -0.45 -14.04 8.33
CA MET B 553 -0.82 -13.23 7.17
C MET B 553 0.51 -12.58 6.87
N ILE B 554 1.10 -12.89 5.73
CA ILE B 554 2.41 -12.38 5.42
C ILE B 554 2.48 -11.27 4.41
N MET B 555 1.48 -11.17 3.56
CA MET B 555 1.48 -10.14 2.54
C MET B 555 0.11 -9.65 2.20
N GLN B 556 0.11 -8.51 1.53
CA GLN B 556 -1.09 -7.89 1.05
C GLN B 556 -0.61 -7.16 -0.19
N VAL B 557 -1.09 -7.59 -1.34
CA VAL B 557 -0.69 -6.98 -2.60
C VAL B 557 -1.90 -6.99 -3.53
N HIS B 558 -2.20 -5.81 -4.06
CA HIS B 558 -3.36 -5.65 -4.95
C HIS B 558 -4.63 -6.02 -4.19
N ASP B 559 -5.34 -7.06 -4.59
CA ASP B 559 -6.55 -7.46 -3.87
C ASP B 559 -6.38 -8.82 -3.27
N GLU B 560 -5.16 -9.21 -3.00
CA GLU B 560 -4.97 -10.53 -2.44
C GLU B 560 -4.24 -10.42 -1.14
N LEU B 561 -4.56 -11.35 -0.26
CA LEU B 561 -3.93 -11.44 1.04
C LEU B 561 -3.20 -12.76 0.96
N VAL B 562 -1.95 -12.77 1.40
CA VAL B 562 -1.16 -13.97 1.34
C VAL B 562 -0.78 -14.42 2.75
N PHE B 563 -0.92 -15.72 3.00
CA PHE B 563 -0.61 -16.30 4.30
C PHE B 563 0.37 -17.45 4.22
N GLU B 564 0.70 -17.94 5.40
CA GLU B 564 1.53 -19.11 5.57
C GLU B 564 0.62 -19.95 6.42
N VAL B 565 0.15 -21.06 5.86
CA VAL B 565 -0.76 -21.95 6.57
C VAL B 565 -0.09 -23.29 6.75
N HIS B 566 -0.30 -23.92 7.90
CA HIS B 566 0.29 -25.21 8.13
C HIS B 566 -0.35 -26.23 7.20
N LYS B 567 0.48 -27.06 6.58
CA LYS B 567 0.00 -28.06 5.62
C LYS B 567 -1.14 -28.94 6.11
N ASP B 568 -1.12 -29.30 7.39
CA ASP B 568 -2.19 -30.12 7.94
C ASP B 568 -3.48 -29.36 8.23
N ASP B 569 -3.44 -28.03 8.16
CA ASP B 569 -4.61 -27.22 8.44
C ASP B 569 -5.18 -26.51 7.21
N VAL B 570 -4.45 -26.59 6.10
CA VAL B 570 -4.85 -25.91 4.86
C VAL B 570 -6.34 -25.81 4.55
N ASP B 571 -7.05 -26.93 4.56
CA ASP B 571 -8.46 -26.95 4.22
C ASP B 571 -9.35 -26.18 5.16
N ALA B 572 -9.26 -26.51 6.46
CA ALA B 572 -10.06 -25.83 7.46
C ALA B 572 -9.79 -24.33 7.41
N VAL B 573 -8.52 -23.96 7.30
CA VAL B 573 -8.13 -22.57 7.25
C VAL B 573 -8.60 -21.90 5.96
N ALA B 574 -8.48 -22.64 4.86
CA ALA B 574 -8.90 -22.12 3.55
C ALA B 574 -10.37 -21.74 3.60
N LYS B 575 -11.17 -22.62 4.19
CA LYS B 575 -12.60 -22.38 4.33
C LYS B 575 -12.82 -21.12 5.15
N GLN B 576 -12.15 -21.04 6.29
CA GLN B 576 -12.26 -19.91 7.21
C GLN B 576 -11.84 -18.56 6.60
N ILE B 577 -10.70 -18.52 5.91
CA ILE B 577 -10.20 -17.27 5.29
C ILE B 577 -11.25 -16.81 4.29
N HIS B 578 -11.69 -17.76 3.47
CA HIS B 578 -12.70 -17.51 2.45
C HIS B 578 -13.96 -16.87 3.04
N GLN B 579 -14.58 -17.53 4.02
CA GLN B 579 -15.78 -16.99 4.62
C GLN B 579 -15.54 -15.60 5.23
N LEU B 580 -14.43 -15.42 5.91
CA LEU B 580 -14.12 -14.13 6.52
C LEU B 580 -14.06 -13.02 5.48
N MET B 581 -13.38 -13.30 4.39
CA MET B 581 -13.20 -12.31 3.33
C MET B 581 -14.42 -12.01 2.48
N GLU B 582 -15.20 -13.01 2.11
CA GLU B 582 -16.34 -12.68 1.28
C GLU B 582 -17.67 -12.62 2.03
N ASN B 583 -17.61 -12.62 3.35
CA ASN B 583 -18.82 -12.56 4.16
C ASN B 583 -18.75 -11.56 5.31
N CYS B 584 -17.59 -11.44 5.96
CA CYS B 584 -17.45 -10.53 7.08
C CYS B 584 -16.89 -9.14 6.75
N THR B 585 -17.29 -8.63 5.59
CA THR B 585 -16.86 -7.31 5.13
C THR B 585 -18.17 -6.62 4.69
N ARG B 586 -18.18 -5.89 3.57
CA ARG B 586 -19.41 -5.27 3.12
C ARG B 586 -20.30 -6.38 2.56
N LEU B 587 -21.60 -6.27 2.79
CA LEU B 587 -22.54 -7.29 2.33
C LEU B 587 -23.31 -6.83 1.11
N ASP B 588 -23.01 -5.63 0.63
CA ASP B 588 -23.72 -5.11 -0.53
C ASP B 588 -23.07 -5.39 -1.89
N VAL B 589 -21.75 -5.51 -1.91
CA VAL B 589 -21.03 -5.80 -3.14
C VAL B 589 -20.93 -7.32 -3.29
N PRO B 590 -21.25 -7.85 -4.49
CA PRO B 590 -21.18 -9.30 -4.73
C PRO B 590 -19.69 -9.68 -4.81
N LEU B 591 -19.16 -10.17 -3.68
CA LEU B 591 -17.76 -10.52 -3.58
C LEU B 591 -17.49 -11.99 -3.78
N LEU B 592 -16.33 -12.27 -4.36
CA LEU B 592 -15.87 -13.63 -4.60
C LEU B 592 -14.37 -13.69 -4.27
N VAL B 593 -14.00 -14.64 -3.42
CA VAL B 593 -12.61 -14.82 -3.03
C VAL B 593 -12.07 -16.15 -3.56
N GLU B 594 -11.04 -16.03 -4.39
CA GLU B 594 -10.36 -17.18 -5.00
C GLU B 594 -9.23 -17.56 -4.06
N VAL B 595 -9.32 -18.72 -3.44
CA VAL B 595 -8.28 -19.18 -2.53
C VAL B 595 -7.43 -20.27 -3.19
N GLY B 596 -6.10 -20.12 -3.11
CA GLY B 596 -5.19 -21.09 -3.69
C GLY B 596 -4.04 -21.36 -2.75
N SER B 597 -3.38 -22.51 -2.91
CA SER B 597 -2.24 -22.89 -2.08
C SER B 597 -1.14 -23.52 -2.92
N GLY B 598 0.07 -23.55 -2.37
CA GLY B 598 1.23 -24.12 -3.07
C GLY B 598 2.50 -23.99 -2.24
N GLU B 599 3.62 -24.47 -2.76
CA GLU B 599 4.89 -24.40 -2.03
C GLU B 599 5.47 -23.00 -1.98
N ASN B 600 5.06 -22.16 -2.91
CA ASN B 600 5.52 -20.79 -2.95
C ASN B 600 4.38 -19.90 -3.38
N TRP B 601 4.60 -18.58 -3.28
CA TRP B 601 3.60 -17.60 -3.63
C TRP B 601 3.14 -17.76 -5.08
N ASP B 602 4.07 -18.01 -6.01
CA ASP B 602 3.67 -18.19 -7.40
C ASP B 602 2.70 -19.38 -7.54
N GLN B 603 2.94 -20.44 -6.78
CA GLN B 603 2.08 -21.62 -6.85
C GLN B 603 0.68 -21.37 -6.33
N ALA B 604 0.57 -20.68 -5.20
CA ALA B 604 -0.74 -20.40 -4.61
C ALA B 604 -1.51 -19.38 -5.44
N HIS B 605 -0.76 -18.46 -6.05
CA HIS B 605 -1.22 -17.36 -6.89
C HIS B 605 -1.99 -17.80 -8.13
ZN ZN C . -7.82 -5.43 -8.19
ZN ZN D . -17.83 -18.42 -1.18
#